data_5ELG
#
_entry.id   5ELG
#
_cell.length_a   63.920
_cell.length_b   63.920
_cell.length_c   266.260
_cell.angle_alpha   90.00
_cell.angle_beta   90.00
_cell.angle_gamma   120.00
#
_symmetry.space_group_name_H-M   'P 65 2 2'
#
loop_
_entity.id
_entity.type
_entity.pdbx_description
1 polymer 'Glutathione S-transferase DHAR1, mitochondrial'
2 non-polymer GLYCEROL
3 non-polymer GLUTATHIONE
4 water water
#
_entity_poly.entity_id   1
_entity_poly.type   'polypeptide(L)'
_entity_poly.pdbx_seq_one_letter_code
;MALEICVKAAVGAPDHLGDCPFSQRALLTLEEKSLTYKIHLINLSDKPQWFLDISPQGKVPVLKIDDKWVTDSDVIVGIL
EEKYPDPPLKTPAEFASVGSNIFGTFGTFLKSKDSNDGSEHALLVELEALENHLKSHDGPFIAGERVSAVDLSLAPKLYH
LQVALGHFKSWSVPESFPHVHNYMKTLFSLDSFEKTKTEEKYVISGWAPKVNPVEHHHHHH
;
_entity_poly.pdbx_strand_id   A
#
# COMPACT_ATOMS: atom_id res chain seq x y z
N ALA A 2 13.74 13.22 -15.57
CA ALA A 2 13.36 11.81 -15.92
C ALA A 2 13.13 11.05 -14.61
N LEU A 3 11.88 10.86 -14.21
CA LEU A 3 11.60 10.30 -12.85
C LEU A 3 11.94 8.83 -12.87
N GLU A 4 12.51 8.34 -11.77
CA GLU A 4 12.81 6.95 -11.64
C GLU A 4 12.40 6.52 -10.22
N ILE A 5 11.93 5.30 -10.10
CA ILE A 5 11.49 4.81 -8.79
C ILE A 5 12.06 3.41 -8.54
N CYS A 6 12.66 3.21 -7.36
CA CYS A 6 13.09 1.88 -6.96
C CYS A 6 11.95 1.25 -6.10
N VAL A 7 11.56 0.02 -6.43
CA VAL A 7 10.53 -0.71 -5.76
C VAL A 7 11.00 -2.13 -5.45
N LYS A 8 10.23 -2.86 -4.65
CA LYS A 8 10.61 -4.24 -4.31
C LYS A 8 10.37 -5.19 -5.46
N ALA A 9 11.37 -5.99 -5.83
CA ALA A 9 11.16 -7.10 -6.79
C ALA A 9 10.45 -8.25 -6.10
N ALA A 10 9.73 -9.05 -6.87
CA ALA A 10 9.00 -10.18 -6.33
C ALA A 10 9.90 -11.29 -5.77
N VAL A 11 9.50 -11.83 -4.62
CA VAL A 11 10.24 -12.89 -3.95
C VAL A 11 10.09 -14.10 -4.84
N GLY A 12 11.23 -14.64 -5.29
CA GLY A 12 11.21 -15.79 -6.16
C GLY A 12 11.13 -15.44 -7.64
N ALA A 13 10.99 -14.17 -7.99
CA ALA A 13 10.90 -13.78 -9.40
C ALA A 13 11.32 -12.34 -9.54
N PRO A 14 12.64 -12.10 -9.50
CA PRO A 14 13.10 -10.71 -9.36
C PRO A 14 12.94 -9.82 -10.62
N ASP A 15 12.45 -10.39 -11.72
CA ASP A 15 12.09 -9.62 -12.90
C ASP A 15 10.60 -9.22 -12.93
N HIS A 16 9.87 -9.51 -11.85
CA HIS A 16 8.47 -9.12 -11.67
C HIS A 16 8.32 -8.16 -10.48
N LEU A 17 7.26 -7.37 -10.51
CA LEU A 17 6.93 -6.43 -9.43
C LEU A 17 6.58 -7.19 -8.15
N GLY A 18 7.26 -6.82 -7.07
CA GLY A 18 7.03 -7.43 -5.76
C GLY A 18 5.94 -6.78 -4.96
N ASP A 19 5.93 -7.04 -3.66
CA ASP A 19 4.75 -6.80 -2.84
C ASP A 19 4.91 -5.71 -1.77
N CYS A 20 5.65 -4.68 -2.06
CA CYS A 20 5.84 -3.60 -1.07
C CYS A 20 4.65 -2.65 -1.21
N PRO A 21 3.85 -2.50 -0.13
CA PRO A 21 2.69 -1.61 -0.23
C PRO A 21 3.04 -0.13 -0.25
N PHE A 22 4.22 0.22 0.23
CA PHE A 22 4.71 1.58 0.22
C PHE A 22 5.16 1.98 -1.16
N SER A 23 5.77 1.03 -1.87
CA SER A 23 6.12 1.19 -3.26
C SER A 23 4.85 1.36 -4.09
N GLN A 24 3.84 0.53 -3.81
CA GLN A 24 2.61 0.67 -4.57
C GLN A 24 1.96 2.03 -4.33
N ARG A 25 2.02 2.53 -3.10
CA ARG A 25 1.41 3.87 -2.83
C ARG A 25 2.07 4.90 -3.73
N ALA A 26 3.41 4.81 -3.84
CA ALA A 26 4.13 5.74 -4.73
C ALA A 26 3.75 5.54 -6.21
N LEU A 27 3.65 4.28 -6.67
CA LEU A 27 3.29 3.99 -8.07
C LEU A 27 1.91 4.53 -8.38
N LEU A 28 0.98 4.35 -7.45
CA LEU A 28 -0.38 4.85 -7.57
C LEU A 28 -0.42 6.32 -7.72
N THR A 29 0.41 7.01 -6.95
CA THR A 29 0.46 8.45 -7.04
C THR A 29 1.00 8.91 -8.41
N LEU A 30 2.08 8.27 -8.88
CA LEU A 30 2.69 8.56 -10.18
C LEU A 30 1.65 8.36 -11.26
N GLU A 31 0.86 7.30 -11.15
CA GLU A 31 -0.15 7.00 -12.17
C GLU A 31 -1.34 7.95 -12.09
N GLU A 32 -1.84 8.24 -10.90
CA GLU A 32 -2.92 9.22 -10.76
C GLU A 32 -2.51 10.63 -11.21
N LYS A 33 -1.20 10.94 -11.19
CA LYS A 33 -0.72 12.20 -11.73
C LYS A 33 -0.41 12.10 -13.25
N SER A 34 -0.60 10.92 -13.85
CA SER A 34 -0.22 10.62 -15.26
C SER A 34 1.24 10.94 -15.63
N LEU A 35 2.17 10.56 -14.76
CA LEU A 35 3.58 10.90 -14.97
C LEU A 35 4.33 9.75 -15.63
N THR A 36 5.42 10.09 -16.30
CA THR A 36 6.25 9.09 -16.93
C THR A 36 7.39 8.77 -16.00
N TYR A 37 7.72 7.50 -15.87
CA TYR A 37 8.82 7.13 -15.00
C TYR A 37 9.39 5.78 -15.35
N LYS A 38 10.62 5.56 -14.90
CA LYS A 38 11.30 4.28 -15.03
C LYS A 38 11.23 3.57 -13.70
N ILE A 39 11.06 2.27 -13.73
CA ILE A 39 11.02 1.45 -12.53
C ILE A 39 12.30 0.61 -12.42
N HIS A 40 12.89 0.56 -11.24
CA HIS A 40 13.99 -0.35 -10.98
C HIS A 40 13.50 -1.38 -9.98
N LEU A 41 13.55 -2.68 -10.34
CA LEU A 41 13.11 -3.73 -9.46
C LEU A 41 14.29 -4.15 -8.60
N ILE A 42 14.19 -3.92 -7.29
CA ILE A 42 15.29 -4.23 -6.36
C ILE A 42 15.01 -5.56 -5.65
N ASN A 43 15.90 -6.52 -5.86
CA ASN A 43 15.83 -7.78 -5.11
C ASN A 43 16.37 -7.50 -3.73
N LEU A 44 15.47 -7.44 -2.76
CA LEU A 44 15.84 -7.07 -1.39
C LEU A 44 16.70 -8.14 -0.71
N SER A 45 16.71 -9.36 -1.19
CA SER A 45 17.59 -10.41 -0.65
C SER A 45 18.98 -10.41 -1.31
N ASP A 46 19.21 -9.54 -2.29
CA ASP A 46 20.54 -9.40 -2.92
C ASP A 46 20.68 -7.98 -3.50
N LYS A 47 20.75 -7.02 -2.60
CA LYS A 47 20.71 -5.63 -2.98
C LYS A 47 21.95 -5.21 -3.76
N PRO A 48 21.74 -4.58 -4.94
CA PRO A 48 22.85 -4.11 -5.76
C PRO A 48 23.57 -2.93 -5.14
N GLN A 49 24.87 -2.83 -5.40
CA GLN A 49 25.64 -1.77 -4.78
C GLN A 49 25.17 -0.36 -5.14
N TRP A 50 24.76 -0.15 -6.39
CA TRP A 50 24.39 1.21 -6.78
C TRP A 50 23.17 1.66 -5.99
N PHE A 51 22.33 0.68 -5.63
CA PHE A 51 21.12 0.97 -4.85
C PHE A 51 21.46 1.29 -3.41
N LEU A 52 22.36 0.51 -2.83
CA LEU A 52 22.79 0.80 -1.45
C LEU A 52 23.42 2.20 -1.35
N ASP A 53 24.12 2.62 -2.41
CA ASP A 53 24.74 3.95 -2.46
C ASP A 53 23.75 5.10 -2.50
N ILE A 54 22.54 4.86 -2.97
CA ILE A 54 21.50 5.92 -2.99
C ILE A 54 20.32 5.70 -2.01
N SER A 55 20.31 4.57 -1.30
CA SER A 55 19.27 4.29 -0.29
C SER A 55 20.00 3.82 0.95
N PRO A 56 20.33 4.76 1.85
CA PRO A 56 21.28 4.50 2.90
C PRO A 56 20.79 3.43 3.89
N GLN A 57 19.48 3.21 4.01
CA GLN A 57 18.91 2.19 4.88
CA GLN A 57 18.99 2.15 4.89
C GLN A 57 18.56 0.91 4.12
N GLY A 58 18.87 0.86 2.83
CA GLY A 58 18.58 -0.30 1.99
C GLY A 58 17.07 -0.52 1.77
N LYS A 59 16.26 0.54 1.93
CA LYS A 59 14.78 0.47 1.78
C LYS A 59 14.24 0.97 0.44
N VAL A 60 13.05 0.47 0.12
CA VAL A 60 12.26 0.95 -1.01
C VAL A 60 10.90 1.40 -0.45
N PRO A 61 10.24 2.35 -1.07
CA PRO A 61 10.64 2.99 -2.32
C PRO A 61 11.63 4.11 -2.21
N VAL A 62 12.24 4.40 -3.36
CA VAL A 62 13.12 5.55 -3.50
C VAL A 62 12.81 6.19 -4.84
N LEU A 63 12.56 7.50 -4.84
CA LEU A 63 12.25 8.26 -6.05
C LEU A 63 13.39 9.19 -6.45
N LYS A 64 13.77 9.12 -7.73
CA LYS A 64 14.77 10.06 -8.29
C LYS A 64 14.01 11.22 -8.87
N ILE A 65 14.21 12.39 -8.30
CA ILE A 65 13.56 13.57 -8.77
C ILE A 65 14.50 14.77 -8.69
N ASP A 66 14.50 15.62 -9.72
CA ASP A 66 15.46 16.72 -9.82
C ASP A 66 16.84 16.17 -9.46
N ASP A 67 17.18 15.00 -9.99
CA ASP A 67 18.46 14.38 -9.75
C ASP A 67 18.89 14.11 -8.29
N LYS A 68 17.94 14.07 -7.34
CA LYS A 68 18.22 13.62 -5.98
C LYS A 68 17.39 12.34 -5.82
N TRP A 69 17.93 11.36 -5.10
CA TRP A 69 17.16 10.18 -4.71
C TRP A 69 16.56 10.43 -3.32
N VAL A 70 15.24 10.31 -3.23
CA VAL A 70 14.48 10.58 -2.01
C VAL A 70 13.74 9.32 -1.50
N THR A 71 14.01 8.95 -0.24
CA THR A 71 13.35 7.84 0.41
C THR A 71 12.09 8.30 1.14
N ASP A 72 11.28 7.30 1.57
CA ASP A 72 10.10 7.43 2.46
C ASP A 72 8.85 7.76 1.61
N SER A 73 7.94 6.80 1.50
CA SER A 73 6.78 6.97 0.62
C SER A 73 5.96 8.15 1.06
N ASP A 74 5.89 8.51 2.37
CA ASP A 74 5.21 9.72 2.79
C ASP A 74 5.80 10.99 2.13
N VAL A 75 7.12 11.08 2.16
CA VAL A 75 7.83 12.22 1.57
C VAL A 75 7.68 12.20 0.05
N ILE A 76 7.80 11.02 -0.55
CA ILE A 76 7.72 10.91 -2.02
C ILE A 76 6.38 11.42 -2.51
N VAL A 77 5.29 10.98 -1.90
CA VAL A 77 3.99 11.40 -2.36
C VAL A 77 3.68 12.86 -2.06
N GLY A 78 4.25 13.39 -0.99
CA GLY A 78 4.11 14.81 -0.72
C GLY A 78 4.86 15.68 -1.73
N ILE A 79 6.07 15.25 -2.12
CA ILE A 79 6.86 16.02 -3.10
C ILE A 79 6.13 15.98 -4.47
N LEU A 80 5.64 14.82 -4.86
CA LEU A 80 4.80 14.77 -6.10
C LEU A 80 3.59 15.66 -6.12
N GLU A 81 2.89 15.74 -4.99
CA GLU A 81 1.75 16.61 -4.85
C GLU A 81 2.14 18.08 -5.01
N GLU A 82 3.31 18.46 -4.49
CA GLU A 82 3.84 19.82 -4.66
C GLU A 82 4.30 20.16 -6.03
N LYS A 83 5.04 19.23 -6.63
N LYS A 83 5.06 19.24 -6.63
CA LYS A 83 5.65 19.45 -7.94
CA LYS A 83 5.64 19.47 -7.95
C LYS A 83 4.62 19.34 -9.06
C LYS A 83 4.61 19.35 -9.07
N TYR A 84 3.59 18.50 -8.89
CA TYR A 84 2.58 18.25 -9.91
C TYR A 84 1.21 18.38 -9.31
N PRO A 85 0.76 19.60 -9.05
CA PRO A 85 -0.46 19.87 -8.28
C PRO A 85 -1.75 19.35 -8.87
N ASP A 86 -1.82 19.23 -10.20
CA ASP A 86 -3.05 18.77 -10.85
C ASP A 86 -2.91 17.41 -11.48
N PRO A 87 -3.88 16.54 -11.32
CA PRO A 87 -5.03 16.73 -10.47
C PRO A 87 -4.66 16.55 -8.99
N PRO A 88 -5.32 17.30 -8.11
CA PRO A 88 -5.00 17.25 -6.69
C PRO A 88 -5.38 15.94 -6.02
N LEU A 89 -4.51 15.49 -5.13
CA LEU A 89 -4.75 14.29 -4.35
C LEU A 89 -4.76 14.60 -2.87
N LYS A 90 -4.75 15.86 -2.47
CA LYS A 90 -4.69 16.18 -1.06
C LYS A 90 -5.96 15.65 -0.37
N THR A 91 -5.81 14.99 0.78
CA THR A 91 -6.92 14.53 1.60
C THR A 91 -7.14 15.55 2.69
N PRO A 92 -8.41 15.96 2.93
CA PRO A 92 -8.67 16.89 4.05
C PRO A 92 -8.09 16.31 5.34
N ALA A 93 -7.47 17.20 6.12
CA ALA A 93 -6.75 16.78 7.29
C ALA A 93 -7.53 15.88 8.21
N GLU A 94 -8.82 16.19 8.37
CA GLU A 94 -9.66 15.43 9.29
C GLU A 94 -9.73 13.95 8.90
N PHE A 95 -9.59 13.61 7.64
CA PHE A 95 -9.66 12.25 7.17
C PHE A 95 -8.36 11.59 6.81
N ALA A 96 -7.25 12.28 7.01
CA ALA A 96 -5.99 11.78 6.45
C ALA A 96 -5.43 10.58 7.17
N SER A 97 -5.91 10.31 8.38
CA SER A 97 -5.47 9.11 9.13
C SER A 97 -6.51 8.02 9.25
N VAL A 98 -7.61 8.13 8.48
CA VAL A 98 -8.60 7.09 8.48
C VAL A 98 -7.97 5.76 8.01
N GLY A 99 -8.24 4.71 8.76
CA GLY A 99 -7.69 3.39 8.47
C GLY A 99 -6.24 3.13 8.82
N SER A 100 -5.62 4.04 9.56
CA SER A 100 -4.15 4.06 9.67
C SER A 100 -3.60 2.90 10.48
N ASN A 101 -4.42 2.28 11.31
CA ASN A 101 -3.96 1.15 12.16
C ASN A 101 -4.33 -0.21 11.60
N ILE A 102 -5.01 -0.24 10.46
CA ILE A 102 -5.43 -1.51 9.89
C ILE A 102 -4.21 -2.38 9.52
N PHE A 103 -3.21 -1.83 8.84
CA PHE A 103 -2.15 -2.66 8.33
C PHE A 103 -1.37 -3.30 9.49
N GLY A 104 -1.15 -2.54 10.54
CA GLY A 104 -0.42 -3.06 11.71
C GLY A 104 -1.19 -4.16 12.44
N THR A 105 -2.46 -3.94 12.71
CA THR A 105 -3.30 -5.00 13.30
C THR A 105 -3.43 -6.21 12.39
N PHE A 106 -3.55 -6.00 11.05
CA PHE A 106 -3.54 -7.11 10.13
C PHE A 106 -2.27 -7.98 10.26
N GLY A 107 -1.10 -7.34 10.30
CA GLY A 107 0.18 -8.08 10.37
C GLY A 107 0.22 -8.87 11.67
N THR A 108 -0.25 -8.28 12.76
CA THR A 108 -0.20 -8.94 14.08
C THR A 108 -1.12 -10.18 14.07
N PHE A 109 -2.30 -10.06 13.47
CA PHE A 109 -3.22 -11.19 13.37
C PHE A 109 -2.72 -12.25 12.42
N LEU A 110 -2.12 -11.83 11.30
CA LEU A 110 -1.60 -12.79 10.33
C LEU A 110 -0.55 -13.70 10.99
N LYS A 111 0.31 -13.06 11.77
CA LYS A 111 1.42 -13.76 12.48
C LYS A 111 1.06 -14.42 13.79
N SER A 112 -0.19 -14.31 14.25
CA SER A 112 -0.55 -14.83 15.54
C SER A 112 -0.64 -16.31 15.45
N LYS A 113 -0.18 -16.96 16.51
CA LYS A 113 -0.31 -18.39 16.64
C LYS A 113 -1.35 -18.77 17.70
N ASP A 114 -1.80 -17.78 18.48
CA ASP A 114 -2.57 -17.98 19.71
C ASP A 114 -3.91 -17.29 19.50
N SER A 115 -4.92 -18.07 19.13
CA SER A 115 -6.26 -17.55 18.90
C SER A 115 -7.01 -16.98 20.13
N ASN A 116 -6.36 -16.90 21.30
CA ASN A 116 -6.89 -16.17 22.45
C ASN A 116 -6.10 -14.92 22.78
N ASP A 117 -5.14 -14.56 21.94
CA ASP A 117 -4.33 -13.38 22.21
C ASP A 117 -4.97 -12.01 21.86
N GLY A 118 -6.22 -11.99 21.40
CA GLY A 118 -6.89 -10.71 21.10
C GLY A 118 -6.54 -10.04 19.76
N SER A 119 -5.75 -10.72 18.94
CA SER A 119 -5.24 -10.05 17.73
C SER A 119 -6.36 -9.91 16.71
N GLU A 120 -7.21 -10.94 16.59
CA GLU A 120 -8.37 -10.87 15.66
C GLU A 120 -9.27 -9.73 16.07
N HIS A 121 -9.64 -9.65 17.34
CA HIS A 121 -10.44 -8.55 17.83
C HIS A 121 -9.83 -7.19 17.56
N ALA A 122 -8.52 -7.03 17.74
CA ALA A 122 -7.89 -5.75 17.48
C ALA A 122 -8.01 -5.34 16.00
N LEU A 123 -7.90 -6.30 15.11
CA LEU A 123 -8.12 -5.99 13.70
C LEU A 123 -9.57 -5.63 13.46
N LEU A 124 -10.49 -6.38 14.03
CA LEU A 124 -11.89 -6.09 13.80
C LEU A 124 -12.30 -4.74 14.33
N VAL A 125 -11.67 -4.29 15.42
CA VAL A 125 -11.90 -2.94 15.90
C VAL A 125 -11.49 -1.87 14.86
N GLU A 126 -10.33 -2.04 14.21
CA GLU A 126 -9.89 -1.09 13.21
C GLU A 126 -10.81 -1.14 11.97
N LEU A 127 -11.20 -2.35 11.54
CA LEU A 127 -12.14 -2.46 10.44
C LEU A 127 -13.47 -1.79 10.75
N GLU A 128 -13.97 -1.95 11.98
CA GLU A 128 -15.19 -1.28 12.40
C GLU A 128 -15.05 0.23 12.36
N ALA A 129 -13.87 0.77 12.69
CA ALA A 129 -13.67 2.23 12.63
C ALA A 129 -13.77 2.68 11.18
N LEU A 130 -13.22 1.90 10.27
CA LEU A 130 -13.29 2.22 8.86
C LEU A 130 -14.74 2.14 8.37
N GLU A 131 -15.44 1.08 8.73
CA GLU A 131 -16.89 0.94 8.40
C GLU A 131 -17.67 2.14 8.91
N ASN A 132 -17.38 2.56 10.16
CA ASN A 132 -18.09 3.69 10.72
C ASN A 132 -17.83 5.01 9.99
N HIS A 133 -16.61 5.25 9.53
CA HIS A 133 -16.35 6.39 8.67
C HIS A 133 -17.11 6.26 7.33
N LEU A 134 -16.98 5.13 6.70
CA LEU A 134 -17.54 4.96 5.33
C LEU A 134 -19.06 5.05 5.34
N LYS A 135 -19.72 4.57 6.40
CA LYS A 135 -21.19 4.58 6.37
C LYS A 135 -21.77 5.95 6.67
N SER A 136 -20.94 6.86 7.20
CA SER A 136 -21.42 8.16 7.62
C SER A 136 -20.82 9.34 6.83
N HIS A 137 -20.07 9.06 5.78
CA HIS A 137 -19.53 10.12 4.91
C HIS A 137 -19.74 9.73 3.45
N ASP A 138 -19.88 10.73 2.59
CA ASP A 138 -20.15 10.49 1.18
C ASP A 138 -18.92 9.91 0.53
N GLY A 139 -19.14 8.99 -0.40
CA GLY A 139 -18.14 8.21 -1.05
C GLY A 139 -18.03 8.51 -2.53
N PRO A 140 -17.47 7.57 -3.31
CA PRO A 140 -17.10 6.27 -2.93
C PRO A 140 -15.74 6.18 -2.19
N PHE A 141 -15.00 7.24 -2.18
CA PHE A 141 -13.65 7.24 -1.49
C PHE A 141 -13.77 7.84 -0.10
N ILE A 142 -12.66 7.84 0.66
CA ILE A 142 -12.73 8.31 2.03
C ILE A 142 -13.17 9.77 2.11
N ALA A 143 -12.70 10.57 1.15
CA ALA A 143 -13.00 11.97 1.08
C ALA A 143 -13.95 12.33 -0.08
N GLY A 144 -14.78 11.38 -0.50
CA GLY A 144 -15.91 11.65 -1.34
C GLY A 144 -15.75 11.16 -2.75
N GLU A 145 -16.09 12.04 -3.69
CA GLU A 145 -16.19 11.69 -5.09
C GLU A 145 -14.93 11.16 -5.76
N ARG A 146 -13.79 11.77 -5.41
CA ARG A 146 -12.51 11.46 -6.07
C ARG A 146 -11.48 10.82 -5.12
N VAL A 147 -10.70 9.90 -5.70
CA VAL A 147 -9.59 9.30 -4.98
C VAL A 147 -8.62 10.40 -4.47
N SER A 148 -8.05 10.15 -3.28
CA SER A 148 -7.09 11.09 -2.70
C SER A 148 -5.99 10.29 -1.98
N ALA A 149 -5.01 11.03 -1.46
CA ALA A 149 -3.83 10.42 -0.83
C ALA A 149 -4.14 9.30 0.17
N VAL A 150 -5.12 9.51 1.07
CA VAL A 150 -5.44 8.46 2.05
C VAL A 150 -5.86 7.15 1.41
N ASP A 151 -6.62 7.22 0.30
CA ASP A 151 -7.04 6.03 -0.40
C ASP A 151 -5.83 5.33 -1.04
N LEU A 152 -4.86 6.09 -1.53
CA LEU A 152 -3.70 5.54 -2.19
C LEU A 152 -2.73 4.91 -1.23
N SER A 153 -2.74 5.41 -0.03
CA SER A 153 -1.99 4.79 1.09
C SER A 153 -2.61 3.51 1.56
N LEU A 154 -3.93 3.53 1.70
CA LEU A 154 -4.66 2.38 2.20
C LEU A 154 -4.87 1.26 1.23
N ALA A 155 -5.10 1.56 -0.05
CA ALA A 155 -5.38 0.50 -1.01
C ALA A 155 -4.36 -0.65 -1.02
N PRO A 156 -3.07 -0.37 -1.07
CA PRO A 156 -2.11 -1.48 -1.15
C PRO A 156 -2.15 -2.31 0.13
N LYS A 157 -2.46 -1.65 1.24
CA LYS A 157 -2.51 -2.30 2.56
C LYS A 157 -3.73 -3.19 2.73
N LEU A 158 -4.88 -2.70 2.25
CA LEU A 158 -6.06 -3.48 2.21
C LEU A 158 -5.96 -4.65 1.24
N TYR A 159 -5.19 -4.48 0.17
CA TYR A 159 -4.97 -5.60 -0.77
C TYR A 159 -4.18 -6.72 -0.09
N HIS A 160 -3.12 -6.35 0.63
CA HIS A 160 -2.37 -7.34 1.42
C HIS A 160 -3.26 -8.04 2.42
N LEU A 161 -4.09 -7.27 3.09
CA LEU A 161 -5.03 -7.87 4.06
C LEU A 161 -5.88 -8.92 3.41
N GLN A 162 -6.50 -8.55 2.32
CA GLN A 162 -7.38 -9.52 1.63
C GLN A 162 -6.64 -10.76 1.17
N VAL A 163 -5.53 -10.55 0.46
CA VAL A 163 -4.84 -11.69 -0.20
C VAL A 163 -4.19 -12.58 0.86
N ALA A 164 -3.48 -11.96 1.81
CA ALA A 164 -2.73 -12.69 2.81
C ALA A 164 -3.62 -13.36 3.85
N LEU A 165 -4.60 -12.66 4.40
CA LEU A 165 -5.48 -13.34 5.34
C LEU A 165 -6.31 -14.42 4.66
N GLY A 166 -6.67 -14.18 3.40
CA GLY A 166 -7.42 -15.19 2.67
C GLY A 166 -6.60 -16.46 2.47
N HIS A 167 -5.38 -16.28 1.96
CA HIS A 167 -4.55 -17.41 1.67
C HIS A 167 -4.02 -18.11 2.93
N PHE A 168 -3.50 -17.37 3.89
CA PHE A 168 -2.82 -18.02 5.01
C PHE A 168 -3.78 -18.54 6.07
N LYS A 169 -4.95 -17.89 6.20
CA LYS A 169 -5.90 -18.18 7.28
C LYS A 169 -7.32 -18.48 6.87
N SER A 170 -7.61 -18.48 5.58
CA SER A 170 -8.97 -18.65 5.03
C SER A 170 -9.93 -17.65 5.69
N TRP A 171 -9.42 -16.44 5.93
CA TRP A 171 -10.14 -15.42 6.67
C TRP A 171 -10.43 -14.27 5.71
N SER A 172 -11.65 -13.77 5.78
CA SER A 172 -12.03 -12.58 5.02
C SER A 172 -12.80 -11.60 5.89
N VAL A 173 -12.75 -10.34 5.46
CA VAL A 173 -13.49 -9.28 6.17
C VAL A 173 -14.95 -9.70 6.31
N PRO A 174 -15.51 -9.62 7.51
CA PRO A 174 -16.87 -10.13 7.71
C PRO A 174 -17.88 -9.40 6.82
N GLU A 175 -18.92 -10.12 6.47
CA GLU A 175 -19.96 -9.57 5.58
C GLU A 175 -20.77 -8.50 6.32
N SER A 176 -20.65 -8.47 7.65
CA SER A 176 -21.19 -7.40 8.45
C SER A 176 -20.48 -6.01 8.34
N PHE A 177 -19.42 -5.93 7.53
CA PHE A 177 -18.80 -4.69 7.16
C PHE A 177 -19.05 -4.45 5.64
N PRO A 178 -20.30 -4.21 5.24
CA PRO A 178 -20.55 -4.05 3.77
C PRO A 178 -19.89 -2.85 3.14
N HIS A 179 -19.75 -1.72 3.86
CA HIS A 179 -19.04 -0.61 3.30
C HIS A 179 -17.59 -0.86 3.04
N VAL A 180 -16.91 -1.57 3.97
CA VAL A 180 -15.55 -1.92 3.76
C VAL A 180 -15.42 -2.79 2.50
N HIS A 181 -16.31 -3.74 2.33
CA HIS A 181 -16.30 -4.59 1.11
C HIS A 181 -16.43 -3.73 -0.16
N ASN A 182 -17.37 -2.81 -0.15
CA ASN A 182 -17.63 -1.95 -1.33
C ASN A 182 -16.44 -1.06 -1.64
N TYR A 183 -15.83 -0.50 -0.57
CA TYR A 183 -14.65 0.36 -0.68
C TYR A 183 -13.47 -0.38 -1.26
N MET A 184 -13.21 -1.57 -0.76
CA MET A 184 -12.14 -2.41 -1.33
C MET A 184 -12.39 -2.67 -2.79
N LYS A 185 -13.61 -3.05 -3.14
CA LYS A 185 -13.90 -3.25 -4.57
C LYS A 185 -13.67 -2.00 -5.43
N THR A 186 -14.06 -0.86 -4.90
CA THR A 186 -13.80 0.39 -5.58
C THR A 186 -12.31 0.69 -5.81
N LEU A 187 -11.50 0.49 -4.77
CA LEU A 187 -10.07 0.79 -4.85
C LEU A 187 -9.41 -0.21 -5.85
N PHE A 188 -9.81 -1.48 -5.80
CA PHE A 188 -9.03 -2.51 -6.54
C PHE A 188 -9.39 -2.45 -8.01
N SER A 189 -10.48 -1.80 -8.31
CA SER A 189 -10.87 -1.63 -9.74
C SER A 189 -10.43 -0.30 -10.35
N LEU A 190 -9.71 0.54 -9.59
CA LEU A 190 -9.15 1.77 -10.15
C LEU A 190 -8.17 1.39 -11.25
N ASP A 191 -8.17 2.10 -12.37
CA ASP A 191 -7.20 1.83 -13.44
C ASP A 191 -5.77 1.87 -12.92
N SER A 192 -5.48 2.84 -12.06
CA SER A 192 -4.11 2.96 -11.49
C SER A 192 -3.73 1.75 -10.63
N PHE A 193 -4.71 1.23 -9.89
CA PHE A 193 -4.50 0.04 -9.06
C PHE A 193 -4.25 -1.18 -9.92
N GLU A 194 -5.11 -1.37 -10.93
CA GLU A 194 -4.90 -2.47 -11.87
C GLU A 194 -3.52 -2.46 -12.55
N LYS A 195 -3.03 -1.28 -12.90
CA LYS A 195 -1.76 -1.14 -13.59
C LYS A 195 -0.56 -1.37 -12.68
N THR A 196 -0.70 -1.10 -11.40
CA THR A 196 0.41 -1.11 -10.46
C THR A 196 0.37 -2.29 -9.45
N LYS A 197 -0.59 -3.17 -9.58
CA LYS A 197 -0.76 -4.17 -8.55
C LYS A 197 0.23 -5.31 -8.66
N THR A 198 0.50 -5.87 -7.49
CA THR A 198 1.33 -7.07 -7.36
C THR A 198 0.45 -8.28 -7.62
N GLU A 199 0.89 -9.21 -8.44
CA GLU A 199 0.14 -10.45 -8.57
C GLU A 199 -0.05 -11.10 -7.21
N GLU A 200 -1.20 -11.72 -6.98
CA GLU A 200 -1.45 -12.39 -5.68
C GLU A 200 -0.35 -13.35 -5.26
N LYS A 201 0.16 -14.11 -6.22
CA LYS A 201 1.17 -15.12 -5.89
C LYS A 201 2.44 -14.50 -5.34
N TYR A 202 2.70 -13.24 -5.66
CA TYR A 202 3.85 -12.51 -5.11
C TYR A 202 3.57 -11.84 -3.77
N VAL A 203 2.31 -11.58 -3.45
CA VAL A 203 1.95 -11.17 -2.06
C VAL A 203 2.18 -12.40 -1.18
N ILE A 204 1.76 -13.57 -1.69
CA ILE A 204 1.95 -14.87 -0.96
C ILE A 204 3.42 -15.19 -0.80
N SER A 205 4.21 -15.10 -1.87
CA SER A 205 5.64 -15.43 -1.74
C SER A 205 6.39 -14.45 -0.83
N GLY A 206 5.94 -13.20 -0.86
CA GLY A 206 6.51 -12.13 -0.04
C GLY A 206 6.25 -12.42 1.44
N TRP A 207 5.05 -12.81 1.78
CA TRP A 207 4.71 -13.08 3.18
C TRP A 207 5.13 -14.44 3.73
N ALA A 208 5.23 -15.44 2.86
CA ALA A 208 5.40 -16.80 3.33
C ALA A 208 6.56 -17.00 4.35
N PRO A 209 7.73 -16.45 4.06
CA PRO A 209 8.84 -16.59 5.01
C PRO A 209 8.72 -15.72 6.25
N LYS A 210 7.74 -14.83 6.28
CA LYS A 210 7.50 -13.92 7.40
C LYS A 210 6.34 -14.27 8.31
N VAL A 211 5.48 -15.20 7.91
CA VAL A 211 4.36 -15.52 8.72
C VAL A 211 4.71 -16.20 10.07
N ASN A 212 5.75 -16.98 10.08
CA ASN A 212 6.02 -17.80 11.25
C ASN A 212 7.47 -18.05 11.23
N PRO A 213 8.25 -16.96 11.40
CA PRO A 213 9.63 -16.84 10.95
C PRO A 213 10.40 -18.15 10.74
#